data_9M3O
#
_entry.id   9M3O
#
_cell.length_a   98.880
_cell.length_b   98.880
_cell.length_c   110.339
_cell.angle_alpha   90.00
_cell.angle_beta   90.00
_cell.angle_gamma   90.00
#
_symmetry.space_group_name_H-M   'P 41 21 2'
#
loop_
_entity.id
_entity.type
_entity.pdbx_description
1 polymer '[Pyruvate dehydrogenase (acetyl-transferring)] kinase isozyme 1, mitochondrial'
2 non-polymer 'POTASSIUM ION'
3 non-polymer 6-fluoranyl-8-(methylamino)-N-(pyrimidin-5-ylmethyl)-9H-pyrido[2,3-b]indole-3-carboxamide
4 non-polymer GLYCEROL
5 water water
#
_entity_poly.entity_id   1
_entity_poly.type   'polypeptide(L)'
_entity_poly.pdbx_seq_one_letter_code
;GVPGQVDFYARFSPSPLSMKQFLDFGSVNACEKTSFMFLRQELPVRLANIMKEISLLPDNLLRTPSVQLVQSWYIQSLQE
LLDFKDKSAEDAKAIYDFTDTVIRIRNRHNDVIPTMAQGVIEYKESFGVDPVTSQNVQYFLDRFYMSRISIRMLLNQHSL
LFGGKGKGSPSHRKHIGSINPNCNVLEVIKDGYENARRLCDLYYINSPELELEELNAKSPGQPIQVVYVPSHLYHMVFEL
FKNAMRATMEHHANRGVYPPIQVHVTLGNEDLTVKMSDRGGGVPLRKIDRLFNYMYSTAPRPRVETSRAVPLAGFGYGLP
ISRLYAQYFQGDLKLYSLEGYGTDAVIYIKALSTDSIERLPVYNKAAWKHYNTNHEADDWCVP
;
_entity_poly.pdbx_strand_id   A
#
# COMPACT_ATOMS: atom_id res chain seq x y z
N GLY A 1 -28.55 -3.34 -15.20
CA GLY A 1 -27.75 -4.54 -15.39
C GLY A 1 -26.54 -4.57 -14.48
N VAL A 2 -25.36 -4.38 -15.06
CA VAL A 2 -24.12 -4.27 -14.29
C VAL A 2 -24.14 -3.02 -13.42
N PRO A 3 -24.54 -1.85 -13.93
CA PRO A 3 -24.70 -0.70 -13.01
C PRO A 3 -25.67 -0.95 -11.87
N GLY A 4 -26.69 -1.78 -12.06
CA GLY A 4 -27.60 -2.09 -10.97
C GLY A 4 -26.93 -2.93 -9.89
N GLN A 5 -26.11 -3.90 -10.29
CA GLN A 5 -25.39 -4.73 -9.33
C GLN A 5 -24.40 -3.89 -8.53
N VAL A 6 -23.63 -3.04 -9.20
CA VAL A 6 -22.68 -2.17 -8.52
C VAL A 6 -23.40 -1.26 -7.52
N ASP A 7 -24.55 -0.69 -7.91
CA ASP A 7 -25.26 0.21 -7.02
C ASP A 7 -25.79 -0.50 -5.80
N PHE A 8 -26.26 -1.74 -5.96
CA PHE A 8 -26.77 -2.48 -4.81
C PHE A 8 -25.68 -2.67 -3.75
N TYR A 9 -24.50 -3.12 -4.17
CA TYR A 9 -23.47 -3.45 -3.18
C TYR A 9 -22.70 -2.22 -2.73
N ALA A 10 -22.64 -1.18 -3.55
CA ALA A 10 -21.98 0.06 -3.11
C ALA A 10 -22.79 0.79 -2.07
N ARG A 11 -24.07 0.45 -1.90
CA ARG A 11 -24.83 1.04 -0.81
C ARG A 11 -24.26 0.62 0.53
N PHE A 12 -23.69 -0.57 0.62
CA PHE A 12 -23.19 -1.05 1.91
C PHE A 12 -21.83 -0.45 2.24
N SER A 13 -21.52 -0.45 3.51
CA SER A 13 -20.17 -0.02 3.86
C SER A 13 -19.25 -1.23 3.98
N PRO A 14 -17.99 -1.13 3.56
CA PRO A 14 -17.02 -2.17 3.90
C PRO A 14 -16.99 -2.40 5.41
N SER A 15 -16.70 -3.63 5.80
CA SER A 15 -16.64 -4.01 7.21
CA SER A 15 -16.64 -4.00 7.21
C SER A 15 -15.19 -4.25 7.60
N PRO A 16 -14.52 -3.32 8.30
CA PRO A 16 -13.11 -3.52 8.63
C PRO A 16 -12.93 -4.64 9.63
N LEU A 17 -11.82 -5.35 9.47
CA LEU A 17 -11.44 -6.40 10.41
C LEU A 17 -10.20 -5.98 11.18
N SER A 18 -10.09 -6.45 12.42
CA SER A 18 -8.84 -6.24 13.12
C SER A 18 -7.84 -7.33 12.75
N MET A 19 -6.57 -7.04 12.99
CA MET A 19 -5.53 -8.05 12.82
C MET A 19 -5.83 -9.27 13.69
N LYS A 20 -6.35 -9.05 14.90
CA LYS A 20 -6.71 -10.15 15.77
C LYS A 20 -7.79 -11.03 15.14
N GLN A 21 -8.79 -10.42 14.51
CA GLN A 21 -9.85 -11.18 13.86
C GLN A 21 -9.29 -12.03 12.72
N PHE A 22 -8.47 -11.42 11.85
CA PHE A 22 -7.75 -12.18 10.83
C PHE A 22 -7.02 -13.36 11.43
N LEU A 23 -6.29 -13.12 12.52
CA LEU A 23 -5.46 -14.14 13.13
C LEU A 23 -6.31 -15.20 13.82
N ASP A 24 -7.27 -14.78 14.64
CA ASP A 24 -8.11 -15.74 15.36
C ASP A 24 -8.86 -16.65 14.41
N PHE A 25 -9.21 -16.16 13.22
CA PHE A 25 -9.96 -16.97 12.28
C PHE A 25 -9.14 -18.17 11.82
N GLY A 26 -8.01 -17.92 11.15
CA GLY A 26 -7.23 -18.98 10.55
C GLY A 26 -6.35 -19.79 11.48
N SER A 27 -6.41 -19.56 12.79
CA SER A 27 -5.50 -20.25 13.70
C SER A 27 -6.01 -21.64 14.05
N VAL A 28 -7.15 -21.73 14.72
CA VAL A 28 -7.66 -23.01 15.21
C VAL A 28 -8.82 -23.49 14.36
N ASN A 29 -9.94 -22.77 14.44
CA ASN A 29 -11.14 -23.15 13.71
C ASN A 29 -10.85 -23.33 12.22
N ALA A 30 -10.48 -22.23 11.56
CA ALA A 30 -10.17 -22.23 10.13
C ALA A 30 -11.30 -22.85 9.34
N CYS A 31 -12.50 -22.28 9.51
CA CYS A 31 -13.70 -22.81 8.88
C CYS A 31 -13.86 -22.16 7.51
N GLU A 32 -13.74 -22.98 6.46
CA GLU A 32 -13.91 -22.47 5.10
C GLU A 32 -15.34 -22.01 4.86
N LYS A 33 -16.33 -22.64 5.51
CA LYS A 33 -17.70 -22.18 5.40
C LYS A 33 -17.85 -20.76 5.95
N THR A 34 -17.25 -20.50 7.11
CA THR A 34 -17.30 -19.17 7.72
C THR A 34 -16.69 -18.13 6.81
N SER A 35 -15.54 -18.43 6.21
CA SER A 35 -14.90 -17.49 5.30
C SER A 35 -15.80 -17.22 4.10
N PHE A 36 -16.41 -18.27 3.55
CA PHE A 36 -17.37 -18.14 2.47
C PHE A 36 -18.49 -17.16 2.82
N MET A 37 -19.18 -17.40 3.94
CA MET A 37 -20.30 -16.56 4.34
C MET A 37 -19.90 -15.10 4.42
N PHE A 38 -18.70 -14.83 4.94
CA PHE A 38 -18.24 -13.45 5.05
C PHE A 38 -17.89 -12.88 3.68
N LEU A 39 -17.10 -13.63 2.90
CA LEU A 39 -16.52 -13.05 1.70
C LEU A 39 -17.55 -12.92 0.58
N ARG A 40 -18.55 -13.80 0.52
CA ARG A 40 -19.50 -13.70 -0.59
C ARG A 40 -20.30 -12.40 -0.52
N GLN A 41 -20.34 -11.74 0.63
CA GLN A 41 -20.88 -10.40 0.76
C GLN A 41 -19.79 -9.33 0.77
N GLU A 42 -18.70 -9.57 1.51
CA GLU A 42 -17.72 -8.50 1.74
C GLU A 42 -16.93 -8.18 0.49
N LEU A 43 -16.53 -9.18 -0.30
CA LEU A 43 -15.80 -8.90 -1.53
C LEU A 43 -16.65 -8.10 -2.51
N PRO A 44 -17.90 -8.48 -2.83
CA PRO A 44 -18.72 -7.61 -3.68
C PRO A 44 -18.86 -6.19 -3.14
N VAL A 45 -19.04 -6.05 -1.82
CA VAL A 45 -19.18 -4.72 -1.22
C VAL A 45 -17.94 -3.88 -1.47
N ARG A 46 -16.75 -4.45 -1.21
CA ARG A 46 -15.52 -3.69 -1.38
C ARG A 46 -15.23 -3.42 -2.85
N LEU A 47 -15.52 -4.37 -3.74
CA LEU A 47 -15.34 -4.10 -5.17
C LEU A 47 -16.28 -3.01 -5.64
N ALA A 48 -17.56 -3.08 -5.26
CA ALA A 48 -18.54 -2.13 -5.79
C ALA A 48 -18.33 -0.72 -5.24
N ASN A 49 -17.90 -0.60 -3.98
CA ASN A 49 -17.64 0.72 -3.42
C ASN A 49 -16.56 1.46 -4.21
N ILE A 50 -15.46 0.77 -4.52
CA ILE A 50 -14.40 1.44 -5.28
C ILE A 50 -14.77 1.61 -6.74
N MET A 51 -15.61 0.72 -7.29
CA MET A 51 -16.00 0.86 -8.70
C MET A 51 -16.83 2.12 -8.93
N LYS A 52 -17.63 2.54 -7.95
CA LYS A 52 -18.36 3.80 -8.09
C LYS A 52 -17.40 4.98 -8.22
N GLU A 53 -16.23 4.89 -7.61
CA GLU A 53 -15.29 6.01 -7.69
C GLU A 53 -14.45 5.97 -8.96
N ILE A 54 -14.19 4.78 -9.50
CA ILE A 54 -13.57 4.71 -10.83
C ILE A 54 -14.39 5.51 -11.83
N SER A 55 -15.72 5.42 -11.73
CA SER A 55 -16.61 6.10 -12.66
C SER A 55 -16.58 7.61 -12.52
N LEU A 56 -16.02 8.15 -11.45
CA LEU A 56 -15.97 9.59 -11.25
C LEU A 56 -14.66 10.20 -11.72
N LEU A 57 -13.74 9.38 -12.23
CA LEU A 57 -12.45 9.86 -12.70
C LEU A 57 -12.64 10.83 -13.87
N PRO A 58 -11.69 11.75 -14.09
CA PRO A 58 -11.73 12.56 -15.30
C PRO A 58 -11.80 11.66 -16.51
N ASP A 59 -12.60 12.07 -17.50
CA ASP A 59 -12.89 11.18 -18.61
C ASP A 59 -11.62 10.74 -19.33
N ASN A 60 -10.66 11.65 -19.50
CA ASN A 60 -9.42 11.30 -20.18
C ASN A 60 -8.59 10.30 -19.40
N LEU A 61 -8.78 10.18 -18.10
CA LEU A 61 -8.13 9.13 -17.33
C LEU A 61 -8.93 7.83 -17.37
N LEU A 62 -10.24 7.94 -17.16
CA LEU A 62 -11.11 6.77 -17.21
C LEU A 62 -10.98 6.03 -18.53
N ARG A 63 -10.88 6.76 -19.64
CA ARG A 63 -10.89 6.18 -20.97
C ARG A 63 -9.54 5.58 -21.39
N THR A 64 -8.49 5.68 -20.57
CA THR A 64 -7.21 5.11 -20.98
C THR A 64 -7.34 3.59 -21.07
N PRO A 65 -6.58 2.96 -21.97
CA PRO A 65 -6.66 1.49 -22.07
C PRO A 65 -6.36 0.78 -20.77
N SER A 66 -5.45 1.31 -19.93
CA SER A 66 -5.10 0.63 -18.69
C SER A 66 -6.19 0.74 -17.65
N VAL A 67 -6.81 1.91 -17.50
CA VAL A 67 -7.92 2.02 -16.55
C VAL A 67 -9.11 1.21 -17.02
N GLN A 68 -9.38 1.21 -18.32
CA GLN A 68 -10.47 0.40 -18.86
C GLN A 68 -10.24 -1.08 -18.56
N LEU A 69 -8.98 -1.52 -18.65
CA LEU A 69 -8.69 -2.92 -18.36
C LEU A 69 -8.89 -3.23 -16.87
N VAL A 70 -8.41 -2.36 -15.98
CA VAL A 70 -8.62 -2.57 -14.55
C VAL A 70 -10.11 -2.62 -14.24
N GLN A 71 -10.87 -1.68 -14.79
CA GLN A 71 -12.30 -1.66 -14.54
C GLN A 71 -12.96 -2.92 -15.07
N SER A 72 -12.51 -3.43 -16.21
CA SER A 72 -13.11 -4.66 -16.72
C SER A 72 -12.76 -5.86 -15.85
N TRP A 73 -11.55 -5.87 -15.26
CA TRP A 73 -11.22 -6.92 -14.30
C TRP A 73 -12.15 -6.87 -13.10
N TYR A 74 -12.40 -5.67 -12.57
CA TYR A 74 -13.26 -5.55 -11.40
C TYR A 74 -14.69 -5.97 -11.72
N ILE A 75 -15.20 -5.55 -12.88
CA ILE A 75 -16.55 -5.90 -13.30
C ILE A 75 -16.69 -7.41 -13.40
N GLN A 76 -15.69 -8.08 -13.96
CA GLN A 76 -15.77 -9.53 -14.15
C GLN A 76 -15.69 -10.26 -12.81
N SER A 77 -14.81 -9.81 -11.91
CA SER A 77 -14.71 -10.44 -10.61
C SER A 77 -16.00 -10.25 -9.81
N LEU A 78 -16.57 -9.05 -9.86
CA LEU A 78 -17.83 -8.80 -9.16
C LEU A 78 -18.92 -9.75 -9.63
N GLN A 79 -19.08 -9.89 -10.95
CA GLN A 79 -20.11 -10.76 -11.49
C GLN A 79 -19.88 -12.21 -11.10
N GLU A 80 -18.62 -12.65 -11.09
CA GLU A 80 -18.33 -14.02 -10.70
C GLU A 80 -18.66 -14.26 -9.23
N LEU A 81 -18.43 -13.25 -8.38
CA LEU A 81 -18.75 -13.40 -6.96
C LEU A 81 -20.25 -13.42 -6.73
N LEU A 82 -21.01 -12.60 -7.47
CA LEU A 82 -22.44 -12.51 -7.25
C LEU A 82 -23.19 -13.79 -7.58
N ASP A 83 -22.56 -14.72 -8.31
CA ASP A 83 -23.23 -15.99 -8.61
C ASP A 83 -23.45 -16.85 -7.37
N PHE A 84 -22.78 -16.54 -6.26
CA PHE A 84 -22.91 -17.30 -5.03
C PHE A 84 -23.90 -16.69 -4.04
N LYS A 85 -24.54 -15.57 -4.41
CA LYS A 85 -25.39 -14.83 -3.49
C LYS A 85 -26.48 -15.70 -2.88
N ASP A 86 -27.07 -16.59 -3.66
CA ASP A 86 -28.16 -17.42 -3.20
C ASP A 86 -27.78 -18.88 -2.97
N LYS A 87 -26.51 -19.22 -3.14
CA LYS A 87 -26.12 -20.61 -2.95
C LYS A 87 -25.87 -20.92 -1.48
N SER A 88 -26.02 -22.20 -1.13
CA SER A 88 -26.03 -22.62 0.27
C SER A 88 -24.63 -22.91 0.79
N ALA A 89 -24.37 -22.47 2.03
CA ALA A 89 -23.10 -22.75 2.68
C ALA A 89 -22.88 -24.24 2.93
N GLU A 90 -23.96 -25.03 2.97
CA GLU A 90 -23.84 -26.47 3.14
C GLU A 90 -23.57 -27.19 1.83
N ASP A 91 -23.90 -26.57 0.70
CA ASP A 91 -23.55 -27.08 -0.62
C ASP A 91 -22.03 -27.15 -0.74
N ALA A 92 -21.47 -28.36 -0.60
CA ALA A 92 -20.02 -28.49 -0.59
C ALA A 92 -19.39 -28.07 -1.90
N LYS A 93 -20.07 -28.34 -3.03
CA LYS A 93 -19.52 -27.89 -4.31
C LYS A 93 -19.50 -26.37 -4.39
N ALA A 94 -20.52 -25.71 -3.82
CA ALA A 94 -20.54 -24.26 -3.81
C ALA A 94 -19.34 -23.71 -3.05
N ILE A 95 -19.03 -24.29 -1.89
CA ILE A 95 -17.84 -23.89 -1.13
C ILE A 95 -16.60 -24.08 -1.98
N TYR A 96 -16.49 -25.25 -2.61
CA TYR A 96 -15.32 -25.55 -3.43
C TYR A 96 -15.23 -24.60 -4.62
N ASP A 97 -16.35 -24.36 -5.30
CA ASP A 97 -16.35 -23.44 -6.43
C ASP A 97 -16.01 -22.02 -6.00
N PHE A 98 -16.39 -21.64 -4.78
CA PHE A 98 -16.09 -20.29 -4.31
C PHE A 98 -14.60 -20.12 -4.05
N THR A 99 -14.00 -21.05 -3.32
CA THR A 99 -12.55 -21.01 -3.12
C THR A 99 -11.81 -21.00 -4.44
N ASP A 100 -12.30 -21.76 -5.41
CA ASP A 100 -11.71 -21.71 -6.75
C ASP A 100 -11.85 -20.33 -7.37
N THR A 101 -12.99 -19.67 -7.15
CA THR A 101 -13.20 -18.35 -7.73
C THR A 101 -12.31 -17.30 -7.07
N VAL A 102 -12.12 -17.40 -5.75
CA VAL A 102 -11.22 -16.49 -5.05
C VAL A 102 -9.82 -16.57 -5.64
N ILE A 103 -9.34 -17.79 -5.89
CA ILE A 103 -8.01 -17.97 -6.46
C ILE A 103 -7.94 -17.38 -7.86
N ARG A 104 -8.98 -17.59 -8.67
CA ARG A 104 -9.01 -17.03 -10.02
C ARG A 104 -8.94 -15.52 -9.97
N ILE A 105 -9.75 -14.89 -9.11
CA ILE A 105 -9.75 -13.44 -9.00
C ILE A 105 -8.39 -12.94 -8.53
N ARG A 106 -7.80 -13.62 -7.54
CA ARG A 106 -6.50 -13.21 -7.04
C ARG A 106 -5.47 -13.12 -8.17
N ASN A 107 -5.42 -14.14 -9.02
CA ASN A 107 -4.46 -14.12 -10.13
C ASN A 107 -4.84 -13.06 -11.16
N ARG A 108 -6.13 -12.93 -11.48
CA ARG A 108 -6.55 -11.90 -12.43
C ARG A 108 -6.13 -10.50 -11.99
N HIS A 109 -6.12 -10.25 -10.69
CA HIS A 109 -5.83 -8.94 -10.13
C HIS A 109 -4.37 -8.76 -9.72
N ASN A 110 -3.50 -9.75 -10.00
CA ASN A 110 -2.09 -9.69 -9.60
CA ASN A 110 -2.13 -9.65 -9.50
C ASN A 110 -1.41 -8.41 -10.04
N ASP A 111 -1.84 -7.85 -11.17
CA ASP A 111 -1.15 -6.72 -11.77
C ASP A 111 -1.95 -5.42 -11.69
N VAL A 112 -2.87 -5.30 -10.74
CA VAL A 112 -3.74 -4.14 -10.67
C VAL A 112 -2.94 -2.87 -10.41
N ILE A 113 -2.03 -2.91 -9.44
CA ILE A 113 -1.30 -1.69 -9.06
C ILE A 113 -0.47 -1.13 -10.22
N PRO A 114 0.38 -1.92 -10.89
CA PRO A 114 1.13 -1.33 -12.02
C PRO A 114 0.26 -1.03 -13.23
N THR A 115 -0.85 -1.74 -13.44
CA THR A 115 -1.71 -1.40 -14.57
C THR A 115 -2.43 -0.08 -14.35
N MET A 116 -2.92 0.14 -13.12
CA MET A 116 -3.48 1.44 -12.77
C MET A 116 -2.43 2.54 -12.94
N ALA A 117 -1.21 2.30 -12.46
CA ALA A 117 -0.13 3.26 -12.65
C ALA A 117 0.14 3.50 -14.13
N GLN A 118 -0.02 2.47 -14.97
CA GLN A 118 0.15 2.67 -16.40
C GLN A 118 -0.92 3.59 -16.97
N GLY A 119 -2.13 3.55 -16.40
CA GLY A 119 -3.18 4.44 -16.87
C GLY A 119 -2.90 5.89 -16.55
N VAL A 120 -2.31 6.16 -15.39
CA VAL A 120 -1.91 7.53 -15.05
C VAL A 120 -0.84 8.01 -16.00
N ILE A 121 0.07 7.12 -16.40
CA ILE A 121 1.08 7.49 -17.39
C ILE A 121 0.41 7.85 -18.71
N GLU A 122 -0.53 7.01 -19.14
CA GLU A 122 -1.23 7.27 -20.40
C GLU A 122 -1.99 8.59 -20.35
N TYR A 123 -2.67 8.83 -19.22
CA TYR A 123 -3.39 10.07 -18.99
C TYR A 123 -2.45 11.27 -19.06
N LYS A 124 -1.36 11.23 -18.30
CA LYS A 124 -0.41 12.33 -18.27
C LYS A 124 0.24 12.55 -19.63
N GLU A 125 0.45 11.47 -20.40
CA GLU A 125 1.12 11.59 -21.70
C GLU A 125 0.29 12.40 -22.69
N SER A 126 -1.02 12.19 -22.71
CA SER A 126 -1.83 12.67 -23.81
C SER A 126 -2.64 13.92 -23.48
N PHE A 127 -2.66 14.35 -22.21
CA PHE A 127 -3.49 15.49 -21.82
C PHE A 127 -2.81 16.40 -20.82
N GLY A 128 -1.69 16.02 -20.23
CA GLY A 128 -0.98 16.87 -19.30
C GLY A 128 -1.65 16.95 -17.95
N VAL A 129 -1.02 17.71 -17.06
CA VAL A 129 -1.58 17.93 -15.74
C VAL A 129 -2.74 18.90 -15.83
N ASP A 130 -3.86 18.53 -15.25
CA ASP A 130 -5.03 19.39 -15.16
C ASP A 130 -5.25 19.76 -13.70
N PRO A 131 -5.04 21.02 -13.31
CA PRO A 131 -5.05 21.35 -11.88
C PRO A 131 -6.39 21.13 -11.21
N VAL A 132 -7.50 21.21 -11.95
CA VAL A 132 -8.80 20.97 -11.35
C VAL A 132 -8.98 19.49 -11.04
N THR A 133 -8.72 18.63 -12.03
CA THR A 133 -8.92 17.21 -11.84
C THR A 133 -7.84 16.58 -10.98
N SER A 134 -6.62 17.14 -11.00
CA SER A 134 -5.48 16.49 -10.36
C SER A 134 -5.69 16.29 -8.86
N GLN A 135 -6.48 17.16 -8.22
CA GLN A 135 -6.86 16.91 -6.83
C GLN A 135 -7.72 15.66 -6.72
N ASN A 136 -8.62 15.47 -7.69
CA ASN A 136 -9.46 14.27 -7.69
C ASN A 136 -8.63 13.02 -7.96
N VAL A 137 -7.60 13.12 -8.82
CA VAL A 137 -6.78 11.95 -9.10
C VAL A 137 -6.02 11.52 -7.85
N GLN A 138 -5.45 12.48 -7.12
CA GLN A 138 -4.76 12.17 -5.87
C GLN A 138 -5.72 11.52 -4.87
N TYR A 139 -6.92 12.09 -4.72
CA TYR A 139 -7.91 11.52 -3.81
C TYR A 139 -8.29 10.10 -4.22
N PHE A 140 -8.52 9.88 -5.52
CA PHE A 140 -8.92 8.56 -5.98
C PHE A 140 -7.83 7.52 -5.73
N LEU A 141 -6.58 7.85 -6.08
CA LEU A 141 -5.54 6.81 -6.07
C LEU A 141 -5.21 6.36 -4.65
N ASP A 142 -5.21 7.28 -3.69
CA ASP A 142 -5.08 6.87 -2.30
C ASP A 142 -6.15 5.84 -1.95
N ARG A 143 -7.39 6.13 -2.31
CA ARG A 143 -8.50 5.26 -1.94
C ARG A 143 -8.50 3.98 -2.77
N PHE A 144 -8.22 4.08 -4.07
CA PHE A 144 -8.18 2.88 -4.90
C PHE A 144 -7.07 1.93 -4.44
N TYR A 145 -5.90 2.47 -4.10
CA TYR A 145 -4.80 1.61 -3.72
C TYR A 145 -5.01 1.05 -2.30
N MET A 146 -5.57 1.85 -1.39
CA MET A 146 -5.90 1.31 -0.08
C MET A 146 -6.96 0.23 -0.21
N SER A 147 -7.99 0.48 -1.03
CA SER A 147 -8.99 -0.54 -1.30
C SER A 147 -8.35 -1.81 -1.84
N ARG A 148 -7.46 -1.67 -2.84
CA ARG A 148 -6.80 -2.83 -3.42
C ARG A 148 -6.00 -3.60 -2.37
N ILE A 149 -5.28 -2.89 -1.50
CA ILE A 149 -4.55 -3.54 -0.43
C ILE A 149 -5.49 -4.38 0.42
N SER A 150 -6.66 -3.84 0.75
CA SER A 150 -7.59 -4.56 1.60
C SER A 150 -8.21 -5.76 0.89
N ILE A 151 -8.50 -5.61 -0.41
CA ILE A 151 -9.07 -6.72 -1.15
C ILE A 151 -8.03 -7.82 -1.35
N ARG A 152 -6.80 -7.42 -1.64
CA ARG A 152 -5.68 -8.34 -1.74
C ARG A 152 -5.51 -9.13 -0.46
N MET A 153 -5.62 -8.44 0.68
CA MET A 153 -5.53 -9.10 1.98
C MET A 153 -6.57 -10.19 2.14
N LEU A 154 -7.83 -9.91 1.78
CA LEU A 154 -8.87 -10.91 1.92
C LEU A 154 -8.64 -12.08 0.99
N LEU A 155 -8.27 -11.81 -0.26
CA LEU A 155 -8.03 -12.89 -1.22
C LEU A 155 -6.84 -13.75 -0.78
N ASN A 156 -5.76 -13.12 -0.34
CA ASN A 156 -4.58 -13.88 0.10
C ASN A 156 -4.91 -14.78 1.28
N GLN A 157 -5.58 -14.23 2.30
CA GLN A 157 -5.92 -15.03 3.47
C GLN A 157 -6.74 -16.25 3.08
N HIS A 158 -7.83 -16.06 2.34
CA HIS A 158 -8.66 -17.20 1.96
C HIS A 158 -7.88 -18.18 1.08
N SER A 159 -7.07 -17.67 0.17
CA SER A 159 -6.33 -18.54 -0.74
C SER A 159 -5.28 -19.36 0.00
N LEU A 160 -4.57 -18.74 0.95
CA LEU A 160 -3.54 -19.47 1.68
C LEU A 160 -4.16 -20.45 2.67
N LEU A 161 -5.25 -20.05 3.34
CA LEU A 161 -5.85 -20.93 4.33
C LEU A 161 -6.56 -22.12 3.71
N PHE A 162 -7.13 -21.96 2.51
CA PHE A 162 -8.02 -22.97 1.95
C PHE A 162 -7.65 -23.40 0.54
N GLY A 163 -6.53 -22.94 -0.01
CA GLY A 163 -6.10 -23.37 -1.33
C GLY A 163 -5.42 -24.73 -1.32
N HIS A 175 2.63 -19.17 11.11
CA HIS A 175 2.09 -18.28 10.08
C HIS A 175 0.61 -18.55 9.84
N ILE A 176 -0.19 -17.49 9.79
CA ILE A 176 -1.64 -17.59 9.64
C ILE A 176 -2.01 -16.80 8.39
N GLY A 177 -2.14 -17.49 7.27
CA GLY A 177 -2.24 -16.78 5.99
C GLY A 177 -0.95 -16.03 5.74
N SER A 178 -1.07 -14.76 5.34
CA SER A 178 0.10 -13.92 5.18
C SER A 178 0.49 -13.17 6.45
N ILE A 179 -0.18 -13.47 7.57
CA ILE A 179 0.12 -12.83 8.84
C ILE A 179 1.11 -13.70 9.61
N ASN A 180 2.15 -13.06 10.15
CA ASN A 180 3.08 -13.72 11.04
C ASN A 180 2.79 -13.25 12.46
N PRO A 181 2.34 -14.13 13.36
CA PRO A 181 2.10 -13.70 14.74
C PRO A 181 3.36 -13.31 15.47
N ASN A 182 4.53 -13.66 14.94
CA ASN A 182 5.80 -13.38 15.59
C ASN A 182 6.77 -12.77 14.59
N CYS A 183 6.35 -11.68 13.94
CA CYS A 183 7.19 -11.06 12.93
C CYS A 183 8.45 -10.49 13.58
N ASN A 184 9.61 -10.98 13.14
CA ASN A 184 10.90 -10.50 13.64
CA ASN A 184 10.91 -10.51 13.63
C ASN A 184 11.24 -9.23 12.88
N VAL A 185 11.01 -8.08 13.53
CA VAL A 185 11.11 -6.79 12.86
C VAL A 185 12.50 -6.55 12.31
N LEU A 186 13.53 -6.81 13.12
CA LEU A 186 14.88 -6.48 12.69
C LEU A 186 15.33 -7.35 11.51
N GLU A 187 14.87 -8.60 11.45
CA GLU A 187 15.20 -9.46 10.31
C GLU A 187 14.59 -8.95 9.02
N VAL A 188 13.34 -8.52 9.07
CA VAL A 188 12.74 -7.92 7.89
C VAL A 188 13.51 -6.67 7.47
N ILE A 189 13.92 -5.86 8.45
CA ILE A 189 14.65 -4.63 8.14
C ILE A 189 15.97 -4.94 7.46
N LYS A 190 16.72 -5.92 7.98
CA LYS A 190 17.98 -6.28 7.34
C LYS A 190 17.76 -6.80 5.93
N ASP A 191 16.66 -7.54 5.73
CA ASP A 191 16.32 -8.04 4.40
C ASP A 191 16.09 -6.88 3.43
N GLY A 192 15.32 -5.89 3.85
CA GLY A 192 15.10 -4.72 3.01
C GLY A 192 16.38 -3.98 2.73
N TYR A 193 17.25 -3.84 3.75
CA TYR A 193 18.53 -3.17 3.56
C TYR A 193 19.36 -3.87 2.50
N GLU A 194 19.50 -5.19 2.62
CA GLU A 194 20.40 -5.92 1.71
C GLU A 194 19.90 -5.87 0.28
N ASN A 195 18.59 -5.93 0.07
CA ASN A 195 18.08 -5.86 -1.30
C ASN A 195 18.18 -4.45 -1.88
N ALA A 196 17.95 -3.43 -1.05
CA ALA A 196 18.19 -2.05 -1.52
C ALA A 196 19.66 -1.82 -1.80
N ARG A 197 20.55 -2.33 -0.93
CA ARG A 197 21.99 -2.15 -1.15
C ARG A 197 22.43 -2.79 -2.46
N ARG A 198 21.85 -3.95 -2.81
CA ARG A 198 22.21 -4.60 -4.06
CA ARG A 198 22.22 -4.59 -4.06
C ARG A 198 21.87 -3.71 -5.25
N LEU A 199 20.69 -3.11 -5.24
CA LEU A 199 20.31 -2.19 -6.31
C LEU A 199 21.18 -0.93 -6.28
N CYS A 200 21.52 -0.47 -5.08
CA CYS A 200 22.37 0.71 -4.96
C CYS A 200 23.76 0.47 -5.55
N ASP A 201 24.38 -0.67 -5.23
CA ASP A 201 25.68 -1.00 -5.81
C ASP A 201 25.61 -1.07 -7.32
N LEU A 202 24.52 -1.60 -7.86
CA LEU A 202 24.38 -1.73 -9.31
C LEU A 202 24.30 -0.37 -10.00
N TYR A 203 23.72 0.63 -9.35
CA TYR A 203 23.53 1.93 -9.97
C TYR A 203 24.70 2.88 -9.69
N TYR A 204 25.13 2.97 -8.44
CA TYR A 204 26.15 3.94 -8.05
C TYR A 204 27.53 3.34 -7.83
N ILE A 205 27.67 2.01 -7.96
CA ILE A 205 28.95 1.30 -7.85
C ILE A 205 29.50 1.45 -6.43
N ASN A 206 28.62 1.74 -5.48
CA ASN A 206 28.96 1.86 -4.06
C ASN A 206 27.65 2.04 -3.32
N SER A 207 27.71 1.97 -2.00
CA SER A 207 26.47 2.04 -1.23
C SER A 207 26.81 2.34 0.23
N PRO A 208 25.88 2.93 0.97
CA PRO A 208 26.12 3.20 2.39
C PRO A 208 25.98 1.95 3.24
N GLU A 209 26.71 1.94 4.35
CA GLU A 209 26.53 0.87 5.33
C GLU A 209 25.24 1.09 6.14
N LEU A 210 24.87 0.07 6.90
CA LEU A 210 23.71 0.12 7.78
C LEU A 210 24.19 0.16 9.22
N GLU A 211 23.64 1.09 10.01
CA GLU A 211 23.81 1.11 11.46
C GLU A 211 22.44 0.92 12.10
N LEU A 212 22.26 -0.20 12.78
CA LEU A 212 20.97 -0.63 13.31
C LEU A 212 21.01 -0.62 14.84
N GLU A 213 20.06 0.07 15.45
CA GLU A 213 19.90 0.15 16.90
C GLU A 213 18.50 -0.28 17.27
N GLU A 214 18.35 -0.98 18.39
CA GLU A 214 17.01 -1.37 18.81
C GLU A 214 16.84 -1.16 20.31
N LEU A 215 15.60 -0.87 20.69
CA LEU A 215 15.25 -0.71 22.09
C LEU A 215 13.88 -1.34 22.29
N ASN A 216 13.83 -2.41 23.08
CA ASN A 216 12.57 -3.00 23.50
C ASN A 216 12.24 -2.39 24.84
N ALA A 217 11.58 -1.23 24.83
CA ALA A 217 11.21 -0.58 26.08
C ALA A 217 10.24 -1.43 26.87
N LYS A 218 9.33 -2.11 26.17
CA LYS A 218 8.36 -3.00 26.80
C LYS A 218 9.05 -4.08 27.63
N SER A 219 10.02 -4.79 27.04
CA SER A 219 10.75 -5.86 27.71
C SER A 219 12.22 -5.78 27.29
N PRO A 220 13.03 -5.02 28.01
CA PRO A 220 14.38 -4.70 27.51
C PRO A 220 15.24 -5.92 27.25
N GLY A 221 16.07 -5.83 26.20
CA GLY A 221 16.92 -6.91 25.78
C GLY A 221 16.24 -8.06 25.07
N GLN A 222 14.91 -8.13 25.08
CA GLN A 222 14.16 -9.17 24.40
C GLN A 222 14.01 -8.84 22.91
N PRO A 223 13.94 -9.86 22.05
CA PRO A 223 13.72 -9.59 20.63
C PRO A 223 12.42 -8.83 20.42
N ILE A 224 12.39 -8.01 19.37
CA ILE A 224 11.24 -7.19 19.05
C ILE A 224 10.41 -7.92 18.00
N GLN A 225 9.22 -8.36 18.40
CA GLN A 225 8.27 -9.00 17.49
C GLN A 225 6.90 -8.36 17.64
N VAL A 226 6.13 -8.38 16.55
CA VAL A 226 4.73 -7.98 16.57
C VAL A 226 3.95 -8.90 15.64
N VAL A 227 2.63 -8.87 15.80
CA VAL A 227 1.73 -9.49 14.82
C VAL A 227 1.65 -8.55 13.63
N TYR A 228 2.09 -9.02 12.46
CA TYR A 228 2.07 -8.15 11.29
C TYR A 228 2.12 -8.98 10.02
N VAL A 229 1.92 -8.31 8.90
CA VAL A 229 2.11 -8.90 7.57
C VAL A 229 3.54 -8.57 7.13
N PRO A 230 4.44 -9.55 7.09
CA PRO A 230 5.87 -9.23 6.85
C PRO A 230 6.11 -8.54 5.52
N SER A 231 5.38 -8.94 4.46
CA SER A 231 5.62 -8.30 3.18
C SER A 231 5.20 -6.84 3.19
N HIS A 232 4.21 -6.47 4.02
CA HIS A 232 3.87 -5.05 4.16
C HIS A 232 5.02 -4.28 4.79
N LEU A 233 5.59 -4.83 5.86
CA LEU A 233 6.73 -4.18 6.50
C LEU A 233 7.94 -4.15 5.56
N TYR A 234 8.19 -5.25 4.84
CA TYR A 234 9.30 -5.28 3.89
C TYR A 234 9.15 -4.16 2.86
N HIS A 235 7.95 -4.04 2.28
CA HIS A 235 7.73 -3.03 1.24
C HIS A 235 8.07 -1.64 1.75
N MET A 236 7.64 -1.31 2.96
CA MET A 236 7.89 0.01 3.50
C MET A 236 9.38 0.27 3.67
N VAL A 237 10.09 -0.65 4.34
CA VAL A 237 11.48 -0.36 4.67
C VAL A 237 12.35 -0.42 3.42
N PHE A 238 12.04 -1.34 2.50
CA PHE A 238 12.77 -1.44 1.24
C PHE A 238 12.64 -0.16 0.44
N GLU A 239 11.42 0.39 0.33
CA GLU A 239 11.26 1.63 -0.41
C GLU A 239 11.97 2.78 0.29
N LEU A 240 11.89 2.85 1.61
CA LEU A 240 12.58 3.92 2.34
C LEU A 240 14.09 3.81 2.17
N PHE A 241 14.65 2.59 2.27
CA PHE A 241 16.08 2.41 2.06
C PHE A 241 16.52 2.91 0.69
N LYS A 242 15.75 2.60 -0.36
CA LYS A 242 16.12 3.03 -1.70
C LYS A 242 16.16 4.56 -1.80
N ASN A 243 15.20 5.23 -1.16
CA ASN A 243 15.18 6.68 -1.17
C ASN A 243 16.35 7.25 -0.38
N ALA A 244 16.63 6.68 0.79
CA ALA A 244 17.73 7.15 1.61
C ALA A 244 19.06 6.96 0.89
N MET A 245 19.23 5.81 0.23
CA MET A 245 20.48 5.52 -0.47
C MET A 245 20.67 6.44 -1.67
N ARG A 246 19.63 6.63 -2.46
CA ARG A 246 19.70 7.54 -3.59
C ARG A 246 20.17 8.91 -3.15
N ALA A 247 19.54 9.46 -2.11
CA ALA A 247 19.92 10.78 -1.63
C ALA A 247 21.36 10.81 -1.15
N THR A 248 21.77 9.78 -0.39
CA THR A 248 23.13 9.72 0.12
C THR A 248 24.15 9.65 -1.01
N MET A 249 23.90 8.78 -2.00
CA MET A 249 24.89 8.58 -3.05
C MET A 249 25.02 9.82 -3.93
N GLU A 250 23.91 10.50 -4.21
CA GLU A 250 24.00 11.67 -5.08
C GLU A 250 24.56 12.88 -4.35
N HIS A 251 24.22 13.04 -3.07
CA HIS A 251 24.69 14.21 -2.34
C HIS A 251 26.20 14.16 -2.09
N HIS A 252 26.74 12.97 -1.82
CA HIS A 252 28.15 12.85 -1.47
C HIS A 252 29.02 12.36 -2.63
N ALA A 253 28.48 12.31 -3.85
CA ALA A 253 29.23 11.82 -5.00
C ALA A 253 30.57 12.52 -5.16
N ASN A 254 30.64 13.81 -4.82
CA ASN A 254 31.92 14.53 -4.94
C ASN A 254 32.93 14.02 -3.93
N ARG A 255 32.50 13.81 -2.68
CA ARG A 255 33.42 13.39 -1.63
C ARG A 255 33.94 11.98 -1.88
N GLY A 256 33.09 11.09 -2.35
CA GLY A 256 33.45 9.69 -2.46
C GLY A 256 33.41 8.92 -1.16
N VAL A 257 33.04 9.57 -0.05
CA VAL A 257 32.81 8.92 1.24
C VAL A 257 31.33 9.03 1.54
N TYR A 258 30.69 7.91 1.88
CA TYR A 258 29.24 7.87 1.97
C TYR A 258 28.81 7.54 3.40
N PRO A 259 28.10 8.45 4.07
CA PRO A 259 27.71 8.19 5.45
C PRO A 259 26.72 7.04 5.52
N PRO A 260 26.70 6.29 6.61
CA PRO A 260 25.78 5.16 6.72
C PRO A 260 24.34 5.63 6.79
N ILE A 261 23.44 4.69 6.59
CA ILE A 261 22.03 4.91 6.89
C ILE A 261 21.77 4.35 8.28
N GLN A 262 21.20 5.18 9.15
CA GLN A 262 20.96 4.79 10.53
C GLN A 262 19.50 4.42 10.69
N VAL A 263 19.25 3.30 11.39
CA VAL A 263 17.90 2.84 11.66
C VAL A 263 17.79 2.59 13.15
N HIS A 264 16.78 3.18 13.79
CA HIS A 264 16.49 2.95 15.20
CA HIS A 264 16.49 2.95 15.20
C HIS A 264 15.10 2.35 15.31
N VAL A 265 15.01 1.18 15.93
CA VAL A 265 13.75 0.46 16.12
C VAL A 265 13.39 0.49 17.59
N THR A 266 12.16 0.89 17.89
CA THR A 266 11.70 0.99 19.27
C THR A 266 10.33 0.32 19.41
N LEU A 267 10.18 -0.52 20.41
CA LEU A 267 8.89 -1.11 20.77
C LEU A 267 8.43 -0.45 22.06
N GLY A 268 7.40 0.40 21.96
CA GLY A 268 6.81 1.02 23.12
C GLY A 268 5.55 0.31 23.55
N ASN A 269 4.91 0.87 24.60
CA ASN A 269 3.69 0.27 25.11
CA ASN A 269 3.69 0.27 25.11
C ASN A 269 2.59 0.22 24.06
N GLU A 270 2.64 1.10 23.10
CA GLU A 270 1.59 1.28 22.11
C GLU A 270 2.13 1.30 20.68
N ASP A 271 3.31 1.86 20.45
CA ASP A 271 3.86 2.05 19.12
C ASP A 271 5.07 1.15 18.91
N LEU A 272 5.10 0.48 17.77
CA LEU A 272 6.34 0.04 17.15
C LEU A 272 6.77 1.13 16.19
N THR A 273 7.95 1.71 16.40
CA THR A 273 8.45 2.73 15.49
C THR A 273 9.75 2.30 14.85
N VAL A 274 9.88 2.58 13.56
CA VAL A 274 11.13 2.40 12.82
C VAL A 274 11.53 3.76 12.27
N LYS A 275 12.64 4.31 12.77
CA LYS A 275 13.16 5.57 12.28
C LYS A 275 14.38 5.32 11.41
N MET A 276 14.36 5.85 10.19
CA MET A 276 15.45 5.71 9.23
C MET A 276 15.99 7.09 8.90
N SER A 277 17.30 7.28 9.06
CA SER A 277 17.94 8.58 8.92
C SER A 277 19.05 8.52 7.89
N ASP A 278 19.13 9.54 7.03
CA ASP A 278 20.22 9.65 6.08
C ASP A 278 20.86 11.03 6.23
N ARG A 279 22.08 11.15 5.67
CA ARG A 279 22.71 12.45 5.52
C ARG A 279 22.80 12.78 4.04
N GLY A 280 21.67 12.69 3.34
CA GLY A 280 21.63 12.85 1.90
C GLY A 280 21.27 14.24 1.41
N GLY A 281 21.42 15.26 2.26
CA GLY A 281 21.26 16.64 1.84
C GLY A 281 19.88 17.23 2.04
N GLY A 282 18.88 16.42 2.32
CA GLY A 282 17.58 16.95 2.71
C GLY A 282 16.77 17.48 1.55
N VAL A 283 15.58 17.99 1.92
CA VAL A 283 14.54 18.50 1.02
C VAL A 283 13.87 19.67 1.73
N PRO A 284 13.68 20.82 1.09
CA PRO A 284 12.93 21.89 1.77
C PRO A 284 11.49 21.45 2.06
N LEU A 285 10.94 22.01 3.14
CA LEU A 285 9.61 21.61 3.61
C LEU A 285 8.56 21.79 2.52
N ARG A 286 8.68 22.86 1.72
CA ARG A 286 7.73 23.13 0.65
C ARG A 286 7.64 21.99 -0.35
N LYS A 287 8.71 21.21 -0.50
CA LYS A 287 8.79 20.18 -1.53
C LYS A 287 8.59 18.77 -0.99
N ILE A 288 8.26 18.60 0.29
CA ILE A 288 8.13 17.27 0.87
C ILE A 288 6.89 16.57 0.31
N ASP A 289 5.75 17.26 0.27
CA ASP A 289 4.49 16.58 0.01
C ASP A 289 4.40 16.03 -1.40
N ARG A 290 5.09 16.64 -2.37
CA ARG A 290 5.07 16.11 -3.72
C ARG A 290 5.65 14.70 -3.79
N LEU A 291 6.43 14.29 -2.78
CA LEU A 291 6.91 12.92 -2.74
C LEU A 291 5.79 11.91 -2.56
N PHE A 292 4.62 12.34 -2.07
CA PHE A 292 3.47 11.46 -1.90
C PHE A 292 2.40 11.70 -2.97
N ASN A 293 2.69 12.55 -3.94
CA ASN A 293 1.74 12.93 -4.96
C ASN A 293 1.93 12.04 -6.19
N TYR A 294 0.87 11.34 -6.59
CA TYR A 294 0.99 10.38 -7.69
C TYR A 294 1.31 11.07 -9.01
N MET A 295 0.66 12.20 -9.29
CA MET A 295 0.87 12.86 -10.58
C MET A 295 2.30 13.37 -10.71
N TYR A 296 2.85 13.94 -9.64
CA TYR A 296 4.24 14.38 -9.67
C TYR A 296 5.19 13.20 -9.83
N SER A 297 4.85 12.05 -9.24
CA SER A 297 5.72 10.87 -9.27
C SER A 297 5.56 10.04 -10.54
N THR A 298 4.68 10.44 -11.45
CA THR A 298 4.34 9.64 -12.63
C THR A 298 5.29 9.95 -13.77
N ALA A 299 6.08 8.95 -14.17
CA ALA A 299 6.98 9.03 -15.30
C ALA A 299 6.91 7.71 -16.06
N PRO A 300 7.13 7.72 -17.37
CA PRO A 300 7.21 6.45 -18.11
C PRO A 300 8.24 5.51 -17.49
N ARG A 301 7.93 4.22 -17.50
CA ARG A 301 8.68 3.23 -16.76
C ARG A 301 9.97 2.85 -17.48
N PRO A 302 10.95 2.30 -16.74
CA PRO A 302 12.19 1.87 -17.40
C PRO A 302 11.93 0.82 -18.47
N ARG A 303 12.62 0.98 -19.60
CA ARG A 303 12.45 0.09 -20.73
C ARG A 303 13.04 -1.29 -20.44
N VAL A 304 12.45 -2.30 -21.07
CA VAL A 304 12.94 -3.66 -20.89
C VAL A 304 14.28 -3.85 -21.59
N GLU A 305 14.42 -3.26 -22.78
CA GLU A 305 15.52 -3.55 -23.70
C GLU A 305 16.77 -2.72 -23.35
N THR A 306 17.31 -2.95 -22.16
CA THR A 306 18.58 -2.34 -21.78
C THR A 306 19.23 -3.15 -20.68
N SER A 307 20.56 -3.09 -20.63
CA SER A 307 21.30 -3.63 -19.50
C SER A 307 21.62 -2.58 -18.45
N ARG A 308 21.29 -1.31 -18.71
CA ARG A 308 21.58 -0.25 -17.76
C ARG A 308 20.80 -0.44 -16.46
N ALA A 309 21.47 -0.17 -15.35
CA ALA A 309 20.87 -0.39 -14.03
C ALA A 309 19.63 0.48 -13.85
N VAL A 310 18.69 -0.03 -13.08
CA VAL A 310 17.43 0.66 -12.81
C VAL A 310 17.68 1.70 -11.73
N PRO A 311 17.16 2.93 -11.88
CA PRO A 311 17.33 3.95 -10.84
C PRO A 311 16.64 3.53 -9.55
N LEU A 312 17.19 4.00 -8.42
CA LEU A 312 16.71 3.56 -7.10
C LEU A 312 15.35 4.16 -6.73
N ALA A 313 15.15 5.44 -6.96
CA ALA A 313 13.93 6.07 -6.49
C ALA A 313 13.55 7.20 -7.45
N GLY A 314 12.33 7.71 -7.27
CA GLY A 314 11.78 8.71 -8.15
C GLY A 314 11.11 8.17 -9.40
N PHE A 315 10.98 6.85 -9.55
CA PHE A 315 10.46 6.23 -10.76
C PHE A 315 9.22 5.39 -10.50
N GLY A 316 8.37 5.80 -9.55
CA GLY A 316 7.14 5.04 -9.32
C GLY A 316 6.40 5.52 -8.08
N TYR A 317 5.51 4.64 -7.57
CA TYR A 317 4.66 4.95 -6.43
C TYR A 317 5.09 4.23 -5.15
N GLY A 318 6.34 3.79 -5.07
CA GLY A 318 6.81 3.09 -3.88
C GLY A 318 6.54 3.83 -2.59
N LEU A 319 6.72 5.14 -2.59
CA LEU A 319 6.61 5.88 -1.35
C LEU A 319 5.16 6.10 -0.91
N PRO A 320 4.26 6.65 -1.74
CA PRO A 320 2.87 6.78 -1.28
C PRO A 320 2.21 5.44 -0.98
N ILE A 321 2.55 4.38 -1.71
CA ILE A 321 1.96 3.08 -1.41
C ILE A 321 2.51 2.53 -0.10
N SER A 322 3.80 2.80 0.19
CA SER A 322 4.35 2.44 1.50
C SER A 322 3.56 3.09 2.62
N ARG A 323 3.24 4.37 2.49
CA ARG A 323 2.49 5.05 3.53
C ARG A 323 1.08 4.47 3.66
N LEU A 324 0.49 4.04 2.54
CA LEU A 324 -0.82 3.39 2.61
C LEU A 324 -0.74 2.08 3.37
N TYR A 325 0.33 1.30 3.15
CA TYR A 325 0.52 0.07 3.94
C TYR A 325 0.54 0.38 5.42
N ALA A 326 1.31 1.40 5.84
CA ALA A 326 1.36 1.75 7.25
C ALA A 326 -0.01 2.15 7.77
N GLN A 327 -0.72 2.98 7.02
CA GLN A 327 -2.02 3.48 7.46
C GLN A 327 -3.11 2.43 7.39
N TYR A 328 -2.91 1.37 6.60
CA TYR A 328 -3.94 0.35 6.42
C TYR A 328 -4.35 -0.29 7.75
N PHE A 329 -3.40 -0.48 8.67
CA PHE A 329 -3.68 -1.04 9.99
C PHE A 329 -3.47 0.00 11.09
N GLN A 330 -3.85 1.25 10.81
CA GLN A 330 -3.89 2.35 11.77
C GLN A 330 -2.49 2.81 12.19
N GLY A 331 -1.48 2.50 11.40
CA GLY A 331 -0.16 3.08 11.57
C GLY A 331 -0.01 4.32 10.71
N ASP A 332 1.24 4.70 10.44
CA ASP A 332 1.50 5.88 9.64
C ASP A 332 2.94 5.85 9.17
N LEU A 333 3.26 6.74 8.24
CA LEU A 333 4.61 6.88 7.72
C LEU A 333 4.83 8.36 7.49
N LYS A 334 5.82 8.94 8.17
CA LYS A 334 6.02 10.37 8.13
C LYS A 334 7.46 10.67 7.72
N LEU A 335 7.62 11.78 7.01
CA LEU A 335 8.93 12.26 6.57
C LEU A 335 9.20 13.62 7.18
N TYR A 336 10.41 13.80 7.72
N TYR A 336 10.42 13.78 7.69
CA TYR A 336 10.79 15.17 8.07
CA TYR A 336 10.92 15.04 8.23
C TYR A 336 12.28 15.36 7.81
C TYR A 336 12.31 15.26 7.67
N SER A 337 12.57 16.44 7.11
CA SER A 337 13.87 16.69 6.52
C SER A 337 14.43 18.02 7.00
N LEU A 338 15.75 18.07 7.11
CA LEU A 338 16.49 19.30 7.35
C LEU A 338 17.21 19.63 6.05
N GLU A 339 16.72 20.65 5.33
CA GLU A 339 17.29 20.98 4.03
C GLU A 339 18.75 21.33 4.16
N GLY A 340 19.60 20.66 3.38
CA GLY A 340 21.04 20.86 3.44
C GLY A 340 21.77 19.82 4.25
N TYR A 341 21.06 19.03 5.06
CA TYR A 341 21.69 18.05 5.94
C TYR A 341 21.22 16.64 5.62
N GLY A 342 19.94 16.33 5.85
CA GLY A 342 19.47 14.97 5.63
C GLY A 342 18.02 14.85 6.06
N THR A 343 17.55 13.60 6.07
CA THR A 343 16.12 13.31 6.16
C THR A 343 15.88 12.14 7.09
N ASP A 344 14.80 12.22 7.88
CA ASP A 344 14.30 11.12 8.67
C ASP A 344 12.97 10.64 8.10
N ALA A 345 12.78 9.32 8.07
CA ALA A 345 11.49 8.71 7.83
C ALA A 345 11.14 7.88 9.05
N VAL A 346 9.87 7.94 9.48
CA VAL A 346 9.43 7.19 10.65
C VAL A 346 8.20 6.37 10.26
N ILE A 347 8.31 5.06 10.42
CA ILE A 347 7.18 4.15 10.32
C ILE A 347 6.59 3.98 11.71
N TYR A 348 5.28 4.18 11.84
CA TYR A 348 4.55 3.87 13.06
C TYR A 348 3.65 2.68 12.80
N ILE A 349 3.74 1.67 13.66
CA ILE A 349 2.89 0.49 13.60
C ILE A 349 2.30 0.26 14.98
N LYS A 350 1.03 -0.18 15.02
CA LYS A 350 0.41 -0.52 16.30
C LYS A 350 1.07 -1.76 16.90
N ALA A 351 1.56 -1.63 18.13
CA ALA A 351 2.19 -2.76 18.79
C ALA A 351 1.20 -3.85 19.17
N LEU A 352 -0.08 -3.53 19.30
CA LEU A 352 -1.10 -4.46 19.76
C LEU A 352 -2.01 -4.85 18.60
N SER A 353 -2.23 -6.15 18.45
CA SER A 353 -3.05 -6.64 17.34
C SER A 353 -4.49 -6.16 17.45
N THR A 354 -4.97 -5.92 18.67
CA THR A 354 -6.34 -5.46 18.84
C THR A 354 -6.52 -4.01 18.41
N ASP A 355 -5.43 -3.22 18.36
CA ASP A 355 -5.49 -1.87 17.83
C ASP A 355 -5.31 -1.82 16.31
N SER A 356 -4.95 -2.93 15.68
CA SER A 356 -4.64 -2.92 14.24
C SER A 356 -5.90 -3.26 13.46
N ILE A 357 -6.67 -2.24 13.09
CA ILE A 357 -7.94 -2.41 12.40
C ILE A 357 -7.80 -1.85 10.99
N GLU A 358 -8.35 -2.59 10.02
CA GLU A 358 -8.35 -2.13 8.63
C GLU A 358 -8.88 -0.70 8.52
N ARG A 359 -8.23 0.11 7.69
CA ARG A 359 -8.68 1.45 7.38
C ARG A 359 -9.17 1.43 5.93
N LEU A 360 -10.49 1.55 5.73
CA LEU A 360 -11.07 1.29 4.42
C LEU A 360 -11.85 2.50 3.92
N PRO A 361 -11.74 2.83 2.64
CA PRO A 361 -12.58 3.87 2.06
C PRO A 361 -13.99 3.35 1.82
N VAL A 362 -14.96 4.27 1.89
CA VAL A 362 -16.35 3.90 1.69
C VAL A 362 -16.99 4.90 0.73
N TYR A 363 -17.76 4.40 -0.22
CA TYR A 363 -18.43 5.26 -1.18
C TYR A 363 -19.76 5.73 -0.60
N ASN A 364 -19.94 7.05 -0.52
CA ASN A 364 -21.20 7.62 -0.04
C ASN A 364 -21.25 9.07 -0.52
N LYS A 365 -22.28 9.79 -0.08
CA LYS A 365 -22.43 11.19 -0.44
C LYS A 365 -21.16 11.99 -0.15
N ALA A 366 -20.53 11.73 1.00
CA ALA A 366 -19.30 12.45 1.35
C ALA A 366 -18.22 12.21 0.31
N ALA A 367 -18.03 10.94 -0.09
CA ALA A 367 -17.02 10.63 -1.10
C ALA A 367 -17.35 11.31 -2.43
N TRP A 368 -18.61 11.21 -2.86
CA TRP A 368 -19.01 11.84 -4.10
C TRP A 368 -18.77 13.35 -4.06
N LYS A 369 -19.07 13.98 -2.93
CA LYS A 369 -18.87 15.43 -2.79
C LYS A 369 -17.42 15.81 -3.01
N HIS A 370 -16.47 14.97 -2.57
CA HIS A 370 -15.06 15.28 -2.76
C HIS A 370 -14.71 15.44 -4.24
N TYR A 371 -15.32 14.63 -5.11
CA TYR A 371 -15.04 14.74 -6.54
C TYR A 371 -15.70 15.94 -7.20
N ASN A 372 -16.67 16.57 -6.53
CA ASN A 372 -17.47 17.62 -7.15
C ASN A 372 -17.40 18.93 -6.36
N THR A 373 -16.26 19.23 -5.75
CA THR A 373 -16.12 20.44 -4.96
C THR A 373 -14.69 20.94 -5.06
N ASN A 374 -14.52 22.26 -4.96
CA ASN A 374 -13.20 22.87 -4.83
C ASN A 374 -12.84 22.96 -3.36
N HIS A 375 -11.62 22.53 -3.03
CA HIS A 375 -11.16 22.49 -1.65
C HIS A 375 -10.09 23.57 -1.45
N GLU A 376 -10.47 24.67 -0.79
CA GLU A 376 -9.58 25.81 -0.59
C GLU A 376 -9.80 26.42 0.79
N ALA A 377 -8.71 26.90 1.39
CA ALA A 377 -8.74 27.43 2.76
C ALA A 377 -9.02 28.93 2.72
N ASP A 378 -10.29 29.27 2.54
CA ASP A 378 -10.71 30.65 2.38
C ASP A 378 -10.82 31.40 3.71
N ASP A 379 -10.63 30.73 4.85
CA ASP A 379 -10.71 31.40 6.15
C ASP A 379 -9.35 31.92 6.62
N TRP A 380 -8.31 31.75 5.80
CA TRP A 380 -6.99 32.34 6.02
C TRP A 380 -6.58 33.10 4.78
N CYS A 381 -5.74 34.12 4.97
CA CYS A 381 -5.25 34.92 3.86
C CYS A 381 -4.32 34.11 2.96
N VAL A 382 -4.37 34.43 1.66
CA VAL A 382 -3.57 33.73 0.66
C VAL A 382 -2.09 34.08 0.86
N PRO A 383 -1.22 33.08 1.06
CA PRO A 383 0.21 33.27 1.28
C PRO A 383 0.94 33.76 0.02
#